data_5W80
#
_entry.id   5W80
#
_cell.length_a   47.969
_cell.length_b   72.815
_cell.length_c   65.528
_cell.angle_alpha   90.00
_cell.angle_beta   99.53
_cell.angle_gamma   90.00
#
_symmetry.space_group_name_H-M   'P 1 21 1'
#
loop_
_entity.id
_entity.type
_entity.pdbx_description
1 polymer 'Calmodulin-domain protein kinase 1'
2 non-polymer 3-(3-chlorophenoxy)-1-[(piperidin-4-yl)methyl]-1H-pyrazolo[3,4-d]pyrimidin-4-amine
3 non-polymer 'CALCIUM ION'
4 water water
#
_entity_poly.entity_id   1
_entity_poly.type   'polypeptide(L)'
_entity_poly.pdbx_seq_one_letter_code
;GPGSMMDHLHATPGMFVQHSTAIFSDRYKGQRVLGKGSFGEVILCKDKITGQECAVKVISKRQVKQKTDKESLLREVQLL
KQLDHPNIMKLYEFFEDKGYFYLVGEVYTGGELFDEIISRKRFSEVDAARIIRQVLSGITYMHKNKIVHRDLKPENLLLE
SKSKDANIRIIDFGLSTHFEASKKMKDKIGTAYYIAPEVLHGTYDEKCDVWSTGVILYILLSGCPPFNGANEYDILKKVE
KGKYTFELPQWKKVSESAKDLIRKMLTYVPSMRISARDALDHEWIQTYTKEQISVDVPSLDNAILNIRQFQGTQKLAQAA
LLYMGSKLTSQDETKELTAIFHKMDKNGDGQLDRAELIEGYKELMRMKGQDASMLDASAVEHEVDQVLDAVDFDKNGYIE
YSEFVTVAMDRKTLLSRERLERAFRMFDSDNSGKISSTELATIFGVSDVDSETWKSVLSEVDKNNDGEVDFDEFQQMLLK
LCGN
;
_entity_poly.pdbx_strand_id   A
#
# COMPACT_ATOMS: atom_id res chain seq x y z
N THR A 21 25.40 -4.20 -14.99
CA THR A 21 26.74 -3.66 -15.04
C THR A 21 26.85 -2.40 -14.16
N ALA A 22 25.88 -1.48 -14.29
CA ALA A 22 25.85 -0.25 -13.48
C ALA A 22 25.36 -0.59 -12.07
N ILE A 23 25.94 0.05 -11.03
CA ILE A 23 25.60 -0.21 -9.63
C ILE A 23 24.69 0.89 -9.09
N PHE A 24 23.56 0.49 -8.49
CA PHE A 24 22.58 1.43 -7.94
C PHE A 24 23.19 2.39 -6.89
N SER A 25 23.86 1.83 -5.86
CA SER A 25 24.39 2.62 -4.74
C SER A 25 25.52 3.59 -5.15
N ASP A 26 26.18 3.36 -6.29
CA ASP A 26 27.22 4.27 -6.77
C ASP A 26 26.58 5.55 -7.33
N ARG A 27 25.36 5.45 -7.87
CA ARG A 27 24.67 6.61 -8.45
C ARG A 27 23.78 7.32 -7.44
N TYR A 28 23.05 6.56 -6.60
CA TYR A 28 22.05 7.11 -5.71
C TYR A 28 22.34 6.90 -4.24
N LYS A 29 21.88 7.86 -3.42
CA LYS A 29 21.93 7.77 -1.96
C LYS A 29 20.49 7.82 -1.44
N GLY A 30 20.19 6.96 -0.47
CA GLY A 30 18.88 6.91 0.16
C GLY A 30 18.75 8.06 1.14
N GLN A 31 17.65 8.81 1.04
CA GLN A 31 17.45 9.97 1.92
C GLN A 31 16.40 9.69 2.97
N ARG A 32 15.20 9.26 2.53
N ARG A 32 15.20 9.26 2.53
CA ARG A 32 14.08 8.98 3.43
CA ARG A 32 14.09 8.97 3.44
C ARG A 32 13.28 7.79 2.94
C ARG A 32 13.31 7.77 2.95
N VAL A 33 12.49 7.20 3.82
CA VAL A 33 11.63 6.08 3.48
C VAL A 33 10.33 6.71 2.98
N LEU A 34 9.77 6.22 1.87
CA LEU A 34 8.51 6.72 1.35
C LEU A 34 7.32 5.79 1.68
N GLY A 35 7.61 4.52 2.02
CA GLY A 35 6.58 3.56 2.41
C GLY A 35 6.57 2.28 1.61
N LYS A 36 5.75 1.34 2.05
CA LYS A 36 5.63 0.03 1.42
C LYS A 36 4.68 0.11 0.23
N GLY A 37 5.07 -0.54 -0.87
CA GLY A 37 4.26 -0.63 -2.07
C GLY A 37 4.19 -2.05 -2.55
N SER A 38 3.49 -2.29 -3.67
CA SER A 38 3.42 -3.65 -4.23
C SER A 38 4.83 -4.11 -4.61
N PHE A 39 5.22 -5.31 -4.17
CA PHE A 39 6.49 -5.98 -4.46
C PHE A 39 7.71 -5.41 -3.72
N GLY A 40 7.56 -4.35 -2.92
CA GLY A 40 8.72 -3.82 -2.22
C GLY A 40 8.57 -2.48 -1.54
N GLU A 41 9.64 -2.09 -0.85
CA GLU A 41 9.73 -0.83 -0.13
C GLU A 41 10.11 0.26 -1.10
N VAL A 42 9.63 1.46 -0.83
CA VAL A 42 9.92 2.60 -1.69
C VAL A 42 10.72 3.60 -0.87
N ILE A 43 11.81 4.09 -1.44
CA ILE A 43 12.77 4.98 -0.77
C ILE A 43 12.94 6.24 -1.59
N LEU A 44 13.01 7.41 -0.94
CA LEU A 44 13.31 8.67 -1.60
C LEU A 44 14.84 8.70 -1.74
N CYS A 45 15.33 8.71 -3.00
CA CYS A 45 16.76 8.70 -3.28
C CYS A 45 17.14 9.94 -4.03
N LYS A 46 18.45 10.24 -4.01
CA LYS A 46 18.99 11.41 -4.66
C LYS A 46 20.24 11.06 -5.44
N ASP A 47 20.30 11.48 -6.70
CA ASP A 47 21.49 11.27 -7.54
C ASP A 47 22.66 12.01 -6.87
N LYS A 48 23.79 11.30 -6.64
CA LYS A 48 24.95 11.87 -5.97
C LYS A 48 25.65 12.96 -6.78
N ILE A 49 25.42 13.04 -8.11
CA ILE A 49 26.05 14.07 -8.96
C ILE A 49 25.10 15.21 -9.27
N THR A 50 23.94 14.89 -9.85
CA THR A 50 23.04 15.93 -10.34
C THR A 50 22.08 16.46 -9.27
N GLY A 51 21.95 15.77 -8.14
CA GLY A 51 20.98 16.16 -7.12
C GLY A 51 19.54 15.81 -7.47
N GLN A 52 19.30 15.07 -8.58
CA GLN A 52 17.93 14.67 -8.97
C GLN A 52 17.29 13.75 -7.91
N GLU A 53 16.13 14.13 -7.38
CA GLU A 53 15.40 13.29 -6.42
C GLU A 53 14.58 12.26 -7.20
N CYS A 54 14.49 11.03 -6.68
CA CYS A 54 13.69 9.98 -7.31
CA CYS A 54 13.78 9.92 -7.32
C CYS A 54 13.12 9.03 -6.27
N ALA A 55 12.06 8.32 -6.64
CA ALA A 55 11.41 7.32 -5.79
C ALA A 55 11.94 5.99 -6.30
N VAL A 56 12.52 5.17 -5.43
CA VAL A 56 13.10 3.91 -5.85
C VAL A 56 12.36 2.77 -5.18
N LYS A 57 11.81 1.83 -5.98
CA LYS A 57 11.19 0.64 -5.44
C LYS A 57 12.22 -0.46 -5.44
N VAL A 58 12.50 -1.03 -4.26
CA VAL A 58 13.48 -2.07 -4.11
C VAL A 58 12.73 -3.39 -3.96
N ILE A 59 12.90 -4.29 -4.93
CA ILE A 59 12.22 -5.58 -4.93
C ILE A 59 13.22 -6.65 -4.54
N SER A 60 12.99 -7.33 -3.41
CA SER A 60 13.85 -8.42 -2.94
C SER A 60 13.57 -9.69 -3.72
N LYS A 61 14.59 -10.23 -4.42
CA LYS A 61 14.44 -11.44 -5.25
C LYS A 61 14.06 -12.68 -4.42
N ARG A 62 14.47 -12.73 -3.14
CA ARG A 62 14.15 -13.87 -2.28
C ARG A 62 12.69 -13.81 -1.80
N GLN A 63 12.08 -12.61 -1.69
CA GLN A 63 10.68 -12.46 -1.24
C GLN A 63 9.69 -12.40 -2.41
N VAL A 64 10.13 -11.94 -3.61
CA VAL A 64 9.25 -11.78 -4.77
C VAL A 64 9.71 -12.69 -5.92
N LYS A 65 8.86 -13.64 -6.33
CA LYS A 65 9.16 -14.53 -7.45
C LYS A 65 8.91 -13.81 -8.78
N GLN A 66 9.74 -14.08 -9.78
CA GLN A 66 9.60 -13.53 -11.12
C GLN A 66 8.71 -14.46 -11.95
N LYS A 67 7.74 -13.91 -12.68
CA LYS A 67 6.84 -14.71 -13.52
C LYS A 67 7.46 -14.97 -14.90
N THR A 68 8.33 -14.08 -15.35
CA THR A 68 8.94 -14.15 -16.69
C THR A 68 10.46 -14.34 -16.58
N ASP A 69 11.14 -14.42 -17.72
CA ASP A 69 12.60 -14.57 -17.74
C ASP A 69 13.28 -13.20 -17.69
N LYS A 70 14.60 -13.19 -17.48
CA LYS A 70 15.41 -11.96 -17.37
C LYS A 70 15.27 -11.05 -18.59
N GLU A 71 15.30 -11.62 -19.81
CA GLU A 71 15.22 -10.84 -21.05
C GLU A 71 13.81 -10.23 -21.26
N SER A 72 12.75 -10.92 -20.85
CA SER A 72 11.37 -10.40 -20.96
C SER A 72 11.18 -9.16 -20.06
N LEU A 73 11.74 -9.20 -18.84
CA LEU A 73 11.68 -8.09 -17.92
C LEU A 73 12.50 -6.90 -18.47
N LEU A 74 13.69 -7.17 -19.04
CA LEU A 74 14.53 -6.11 -19.59
C LEU A 74 13.84 -5.39 -20.76
N ARG A 75 13.14 -6.15 -21.62
CA ARG A 75 12.45 -5.59 -22.79
C ARG A 75 11.27 -4.71 -22.36
N GLU A 76 10.51 -5.14 -21.33
CA GLU A 76 9.39 -4.34 -20.82
C GLU A 76 9.92 -3.08 -20.16
N VAL A 77 10.99 -3.19 -19.36
CA VAL A 77 11.59 -2.02 -18.68
C VAL A 77 12.05 -0.97 -19.72
N GLN A 78 12.69 -1.43 -20.79
CA GLN A 78 13.16 -0.55 -21.86
C GLN A 78 11.97 0.18 -22.51
N LEU A 79 10.83 -0.51 -22.71
CA LEU A 79 9.64 0.12 -23.26
C LEU A 79 9.04 1.09 -22.23
N LEU A 80 8.86 0.65 -20.98
CA LEU A 80 8.28 1.47 -19.91
C LEU A 80 9.03 2.78 -19.72
N LYS A 81 10.36 2.78 -19.84
CA LYS A 81 11.16 3.98 -19.69
C LYS A 81 10.89 5.01 -20.80
N GLN A 82 10.49 4.55 -22.01
CA GLN A 82 10.21 5.44 -23.14
C GLN A 82 8.79 5.99 -23.15
N LEU A 83 7.85 5.36 -22.42
CA LEU A 83 6.46 5.81 -22.46
C LEU A 83 6.30 7.08 -21.63
N ASP A 84 5.36 7.95 -22.03
CA ASP A 84 5.15 9.24 -21.37
C ASP A 84 3.70 9.69 -21.47
N HIS A 85 3.06 9.87 -20.31
CA HIS A 85 1.70 10.36 -20.22
C HIS A 85 1.56 11.11 -18.89
N PRO A 86 0.79 12.24 -18.84
CA PRO A 86 0.72 13.00 -17.56
C PRO A 86 0.02 12.26 -16.40
N ASN A 87 -0.72 11.17 -16.65
CA ASN A 87 -1.37 10.42 -15.58
C ASN A 87 -0.71 9.06 -15.33
N ILE A 88 0.52 8.87 -15.82
CA ILE A 88 1.28 7.64 -15.62
C ILE A 88 2.62 7.98 -14.99
N MET A 89 3.01 7.25 -13.95
CA MET A 89 4.31 7.46 -13.35
C MET A 89 5.43 7.32 -14.37
N LYS A 90 6.36 8.27 -14.34
CA LYS A 90 7.53 8.23 -15.21
C LYS A 90 8.62 7.36 -14.57
N LEU A 91 9.16 6.40 -15.36
CA LEU A 91 10.25 5.53 -14.93
C LEU A 91 11.54 6.03 -15.56
N TYR A 92 12.61 6.10 -14.77
CA TYR A 92 13.88 6.65 -15.26
C TYR A 92 14.92 5.59 -15.47
N GLU A 93 15.13 4.74 -14.45
CA GLU A 93 16.20 3.77 -14.49
C GLU A 93 15.79 2.44 -13.89
N PHE A 94 16.63 1.45 -14.15
CA PHE A 94 16.44 0.10 -13.67
C PHE A 94 17.77 -0.52 -13.38
N PHE A 95 17.91 -1.12 -12.20
CA PHE A 95 19.13 -1.81 -11.81
C PHE A 95 18.80 -3.17 -11.27
N GLU A 96 19.80 -4.04 -11.30
CA GLU A 96 19.71 -5.40 -10.81
C GLU A 96 21.04 -5.82 -10.24
N ASP A 97 21.03 -6.39 -9.06
CA ASP A 97 22.23 -6.98 -8.45
C ASP A 97 21.86 -8.42 -8.02
N LYS A 98 22.73 -9.07 -7.23
CA LYS A 98 22.55 -10.46 -6.82
C LYS A 98 21.16 -10.75 -6.25
N GLY A 99 20.71 -9.91 -5.32
CA GLY A 99 19.46 -10.15 -4.61
C GLY A 99 18.33 -9.16 -4.79
N TYR A 100 18.48 -8.12 -5.66
CA TYR A 100 17.43 -7.10 -5.78
C TYR A 100 17.25 -6.53 -7.16
N PHE A 101 16.07 -5.96 -7.39
CA PHE A 101 15.76 -5.11 -8.53
C PHE A 101 15.52 -3.71 -7.92
N TYR A 102 15.91 -2.67 -8.65
CA TYR A 102 15.74 -1.28 -8.23
C TYR A 102 15.03 -0.57 -9.36
N LEU A 103 13.75 -0.20 -9.17
N LEU A 103 13.76 -0.18 -9.15
CA LEU A 103 12.99 0.55 -10.17
CA LEU A 103 12.99 0.53 -10.17
C LEU A 103 13.01 2.00 -9.75
C LEU A 103 12.99 2.00 -9.77
N VAL A 104 13.69 2.84 -10.53
CA VAL A 104 13.87 4.27 -10.19
C VAL A 104 12.97 5.15 -11.05
N GLY A 105 12.15 5.98 -10.42
CA GLY A 105 11.31 6.91 -11.15
C GLY A 105 11.00 8.19 -10.44
N GLU A 106 10.04 8.94 -10.97
CA GLU A 106 9.69 10.27 -10.50
C GLU A 106 8.95 10.18 -9.16
N VAL A 107 9.28 11.09 -8.22
CA VAL A 107 8.61 11.08 -6.92
CA VAL A 107 8.67 11.22 -6.87
C VAL A 107 7.39 12.02 -6.98
N TYR A 108 6.27 11.55 -6.39
CA TYR A 108 5.04 12.31 -6.29
C TYR A 108 4.78 12.52 -4.82
N THR A 109 4.46 13.74 -4.42
CA THR A 109 4.37 14.16 -3.01
C THR A 109 2.94 14.51 -2.52
N GLY A 110 1.94 14.36 -3.38
CA GLY A 110 0.57 14.71 -3.03
C GLY A 110 -0.18 13.65 -2.24
N GLY A 111 0.40 12.46 -2.10
CA GLY A 111 -0.19 11.36 -1.36
C GLY A 111 -1.20 10.57 -2.16
N GLU A 112 -1.86 9.64 -1.48
CA GLU A 112 -2.89 8.83 -2.11
C GLU A 112 -4.16 9.64 -2.35
N LEU A 113 -4.74 9.49 -3.55
CA LEU A 113 -5.96 10.19 -3.96
C LEU A 113 -7.07 10.19 -2.85
N PHE A 114 -7.40 9.02 -2.28
CA PHE A 114 -8.50 8.92 -1.29
C PHE A 114 -8.18 9.69 0.00
N ASP A 115 -6.88 9.79 0.38
CA ASP A 115 -6.49 10.56 1.57
C ASP A 115 -6.72 12.08 1.34
N GLU A 116 -6.61 12.55 0.08
CA GLU A 116 -6.89 13.94 -0.26
C GLU A 116 -8.40 14.16 -0.32
N ILE A 117 -9.16 13.21 -0.90
CA ILE A 117 -10.62 13.32 -1.01
C ILE A 117 -11.29 13.48 0.37
N ILE A 118 -10.83 12.71 1.38
CA ILE A 118 -11.47 12.74 2.71
C ILE A 118 -11.12 14.06 3.45
N SER A 119 -10.06 14.78 3.04
CA SER A 119 -9.68 16.05 3.65
C SER A 119 -10.56 17.23 3.17
N ARG A 120 -11.18 17.12 1.97
CA ARG A 120 -11.95 18.24 1.43
C ARG A 120 -13.39 18.26 1.99
N LYS A 121 -14.01 19.45 1.96
CA LYS A 121 -15.35 19.67 2.53
C LYS A 121 -16.46 19.27 1.58
N ARG A 122 -16.25 19.43 0.25
CA ARG A 122 -17.26 19.07 -0.75
C ARG A 122 -16.68 18.16 -1.84
N PHE A 123 -17.53 17.29 -2.40
CA PHE A 123 -17.14 16.36 -3.46
C PHE A 123 -18.36 16.04 -4.28
N SER A 124 -18.33 16.37 -5.57
CA SER A 124 -19.46 16.15 -6.47
C SER A 124 -19.08 15.24 -7.63
N GLU A 125 -20.07 14.92 -8.48
CA GLU A 125 -19.84 14.15 -9.71
C GLU A 125 -18.84 14.84 -10.64
N VAL A 126 -18.75 16.19 -10.59
CA VAL A 126 -17.76 16.92 -11.40
C VAL A 126 -16.36 16.51 -10.92
N ASP A 127 -16.15 16.46 -9.58
CA ASP A 127 -14.86 16.07 -9.00
C ASP A 127 -14.56 14.60 -9.34
N ALA A 128 -15.56 13.70 -9.23
CA ALA A 128 -15.40 12.28 -9.56
C ALA A 128 -15.13 12.07 -11.05
N ALA A 129 -15.82 12.83 -11.93
CA ALA A 129 -15.60 12.74 -13.37
C ALA A 129 -14.20 13.21 -13.76
N ARG A 130 -13.69 14.29 -13.10
CA ARG A 130 -12.35 14.79 -13.38
C ARG A 130 -11.29 13.75 -12.93
N ILE A 131 -11.53 13.08 -11.80
CA ILE A 131 -10.65 12.01 -11.33
C ILE A 131 -10.63 10.84 -12.33
N ILE A 132 -11.81 10.34 -12.71
CA ILE A 132 -11.91 9.16 -13.56
C ILE A 132 -11.46 9.47 -14.99
N ARG A 133 -11.64 10.73 -15.50
CA ARG A 133 -11.14 11.07 -16.85
C ARG A 133 -9.59 10.90 -16.89
N GLN A 134 -8.90 11.36 -15.83
CA GLN A 134 -7.45 11.24 -15.70
C GLN A 134 -6.99 9.79 -15.68
N VAL A 135 -7.63 8.97 -14.84
CA VAL A 135 -7.32 7.55 -14.71
C VAL A 135 -7.60 6.84 -16.07
N LEU A 136 -8.76 7.10 -16.69
CA LEU A 136 -9.09 6.49 -17.99
C LEU A 136 -8.15 6.97 -19.09
N SER A 137 -7.69 8.23 -19.03
CA SER A 137 -6.76 8.77 -20.02
C SER A 137 -5.41 8.03 -19.94
N GLY A 138 -4.92 7.81 -18.72
CA GLY A 138 -3.69 7.07 -18.49
C GLY A 138 -3.81 5.63 -18.91
N ILE A 139 -4.91 4.95 -18.52
CA ILE A 139 -5.12 3.55 -18.89
C ILE A 139 -5.21 3.40 -20.43
N THR A 140 -5.98 4.28 -21.11
CA THR A 140 -6.15 4.25 -22.57
C THR A 140 -4.76 4.29 -23.26
N TYR A 141 -3.91 5.20 -22.81
CA TYR A 141 -2.56 5.33 -23.33
C TYR A 141 -1.72 4.04 -23.10
N MET A 142 -1.79 3.48 -21.90
CA MET A 142 -1.01 2.26 -21.61
C MET A 142 -1.55 1.06 -22.37
N HIS A 143 -2.88 0.97 -22.59
CA HIS A 143 -3.46 -0.15 -23.36
C HIS A 143 -3.06 -0.05 -24.84
N LYS A 144 -2.99 1.17 -25.38
CA LYS A 144 -2.52 1.37 -26.76
C LYS A 144 -1.07 0.84 -26.92
N ASN A 145 -0.27 0.91 -25.83
CA ASN A 145 1.11 0.41 -25.79
C ASN A 145 1.21 -1.03 -25.25
N LYS A 146 0.08 -1.76 -25.19
CA LYS A 146 -0.01 -3.17 -24.80
C LYS A 146 0.51 -3.44 -23.37
N ILE A 147 0.31 -2.51 -22.44
CA ILE A 147 0.68 -2.71 -21.05
C ILE A 147 -0.58 -2.77 -20.25
N VAL A 148 -0.67 -3.78 -19.38
CA VAL A 148 -1.81 -4.01 -18.50
C VAL A 148 -1.38 -3.73 -17.06
N HIS A 149 -2.28 -3.22 -16.24
CA HIS A 149 -1.95 -3.00 -14.84
C HIS A 149 -2.36 -4.24 -14.03
N ARG A 150 -3.66 -4.60 -14.03
CA ARG A 150 -4.23 -5.77 -13.29
C ARG A 150 -4.56 -5.43 -11.82
N ASP A 151 -3.70 -4.64 -11.16
CA ASP A 151 -3.84 -4.29 -9.74
C ASP A 151 -4.17 -2.84 -9.53
N LEU A 152 -5.01 -2.25 -10.40
N LEU A 152 -5.03 -2.24 -10.39
CA LEU A 152 -5.40 -0.85 -10.22
CA LEU A 152 -5.44 -0.85 -10.18
C LEU A 152 -6.32 -0.77 -8.99
C LEU A 152 -6.30 -0.81 -8.94
N LYS A 153 -5.96 0.10 -8.05
CA LYS A 153 -6.68 0.30 -6.80
C LYS A 153 -6.35 1.72 -6.32
N PRO A 154 -7.15 2.30 -5.40
CA PRO A 154 -6.89 3.70 -4.97
C PRO A 154 -5.46 3.97 -4.46
N GLU A 155 -4.84 2.97 -3.81
CA GLU A 155 -3.48 3.09 -3.25
C GLU A 155 -2.43 3.29 -4.36
N ASN A 156 -2.76 2.92 -5.61
CA ASN A 156 -1.87 3.11 -6.76
C ASN A 156 -2.19 4.41 -7.52
N LEU A 157 -3.07 5.28 -6.97
CA LEU A 157 -3.39 6.58 -7.54
C LEU A 157 -2.81 7.62 -6.62
N LEU A 158 -1.67 8.22 -7.04
CA LEU A 158 -1.00 9.26 -6.25
C LEU A 158 -1.22 10.61 -6.87
N LEU A 159 -1.19 11.65 -6.05
CA LEU A 159 -1.34 13.01 -6.55
C LEU A 159 0.08 13.58 -6.74
N GLU A 160 0.30 14.20 -7.89
CA GLU A 160 1.62 14.66 -8.32
C GLU A 160 2.29 15.55 -7.28
N SER A 161 1.55 16.51 -6.73
CA SER A 161 2.02 17.45 -5.73
C SER A 161 0.90 17.73 -4.72
N LYS A 162 1.22 18.51 -3.67
CA LYS A 162 0.26 18.86 -2.61
C LYS A 162 -0.80 19.91 -3.07
N SER A 163 -0.69 20.46 -4.30
CA SER A 163 -1.66 21.44 -4.80
C SER A 163 -3.01 20.77 -5.09
N LYS A 164 -4.12 21.50 -4.86
CA LYS A 164 -5.49 20.99 -5.06
C LYS A 164 -5.81 20.65 -6.55
N ASP A 165 -5.07 21.28 -7.51
CA ASP A 165 -5.29 21.04 -8.96
C ASP A 165 -4.25 20.02 -9.55
N ALA A 166 -3.55 19.24 -8.69
CA ALA A 166 -2.52 18.32 -9.15
C ALA A 166 -3.09 17.12 -9.89
N ASN A 167 -2.38 16.66 -10.93
CA ASN A 167 -2.79 15.51 -11.70
C ASN A 167 -2.62 14.23 -10.90
N ILE A 168 -3.34 13.19 -11.33
CA ILE A 168 -3.26 11.87 -10.73
C ILE A 168 -2.19 11.13 -11.48
N ARG A 169 -1.34 10.38 -10.79
CA ARG A 169 -0.31 9.51 -11.41
C ARG A 169 -0.57 8.09 -10.99
N ILE A 170 -0.76 7.20 -11.95
CA ILE A 170 -0.93 5.77 -11.69
C ILE A 170 0.45 5.17 -11.55
N ILE A 171 0.70 4.45 -10.46
CA ILE A 171 1.98 3.77 -10.25
C ILE A 171 1.76 2.26 -10.50
N ASP A 172 2.86 1.54 -10.86
CA ASP A 172 2.98 0.08 -11.02
C ASP A 172 2.35 -0.51 -12.29
N PHE A 173 2.14 0.30 -13.33
CA PHE A 173 1.66 -0.30 -14.58
C PHE A 173 2.77 -1.29 -15.10
N GLY A 174 2.35 -2.47 -15.54
CA GLY A 174 3.27 -3.46 -16.11
C GLY A 174 4.04 -4.35 -15.15
N LEU A 175 4.02 -4.08 -13.85
CA LEU A 175 4.79 -4.89 -12.89
C LEU A 175 4.15 -6.26 -12.65
N SER A 176 2.81 -6.34 -12.59
CA SER A 176 2.10 -7.61 -12.31
C SER A 176 2.39 -8.68 -13.38
N THR A 177 2.79 -8.26 -14.59
CA THR A 177 3.15 -9.19 -15.66
C THR A 177 4.45 -9.95 -15.29
N HIS A 178 5.37 -9.30 -14.54
CA HIS A 178 6.69 -9.84 -14.28
C HIS A 178 6.92 -10.30 -12.85
N PHE A 179 6.13 -9.87 -11.87
CA PHE A 179 6.35 -10.28 -10.48
C PHE A 179 5.11 -10.92 -9.91
N GLU A 180 5.27 -12.01 -9.12
CA GLU A 180 4.14 -12.73 -8.54
C GLU A 180 3.59 -11.98 -7.32
N ALA A 181 2.26 -11.90 -7.20
CA ALA A 181 1.58 -11.22 -6.09
C ALA A 181 1.89 -11.91 -4.75
N SER A 182 2.00 -11.12 -3.69
CA SER A 182 2.20 -11.65 -2.35
C SER A 182 0.92 -12.37 -1.89
N LYS A 183 1.09 -13.45 -1.14
CA LYS A 183 -0.03 -14.20 -0.59
C LYS A 183 -0.31 -13.76 0.85
N LYS A 184 0.52 -12.85 1.40
CA LYS A 184 0.37 -12.39 2.79
C LYS A 184 -0.66 -11.27 2.88
N MET A 185 -1.56 -11.33 3.88
CA MET A 185 -2.63 -10.36 4.05
C MET A 185 -2.12 -8.92 4.27
N LYS A 186 -0.95 -8.75 4.92
CA LYS A 186 -0.36 -7.42 5.14
C LYS A 186 -0.05 -6.72 3.80
N ASP A 187 0.10 -7.50 2.71
CA ASP A 187 0.38 -6.99 1.36
C ASP A 187 -0.86 -6.96 0.47
N LYS A 188 -1.96 -7.64 0.87
CA LYS A 188 -3.18 -7.75 0.06
C LYS A 188 -4.36 -6.88 0.54
N ILE A 189 -4.19 -5.99 1.54
CA ILE A 189 -5.31 -5.18 2.04
C ILE A 189 -5.89 -4.33 0.92
N GLY A 190 -7.21 -4.41 0.76
CA GLY A 190 -7.94 -3.67 -0.27
C GLY A 190 -7.95 -4.29 -1.64
N THR A 191 -7.05 -5.19 -1.94
CA THR A 191 -6.91 -5.71 -3.29
C THR A 191 -8.16 -6.47 -3.78
N ALA A 192 -8.88 -7.22 -2.90
CA ALA A 192 -10.03 -8.03 -3.30
C ALA A 192 -11.19 -7.19 -3.88
N TYR A 193 -11.40 -5.93 -3.43
CA TYR A 193 -12.52 -5.13 -3.93
C TYR A 193 -12.42 -4.82 -5.43
N TYR A 194 -11.21 -4.65 -5.94
CA TYR A 194 -10.96 -4.10 -7.27
C TYR A 194 -10.56 -5.10 -8.32
N ILE A 195 -10.17 -6.30 -7.94
CA ILE A 195 -9.67 -7.29 -8.90
C ILE A 195 -10.81 -7.79 -9.80
N ALA A 196 -10.54 -7.87 -11.10
CA ALA A 196 -11.56 -8.30 -12.05
C ALA A 196 -11.78 -9.81 -11.94
N PRO A 197 -13.03 -10.27 -12.12
CA PRO A 197 -13.32 -11.70 -11.94
C PRO A 197 -12.49 -12.61 -12.83
N GLU A 198 -12.20 -12.18 -14.08
CA GLU A 198 -11.43 -13.01 -15.01
C GLU A 198 -9.97 -13.19 -14.55
N VAL A 199 -9.44 -12.25 -13.76
CA VAL A 199 -8.09 -12.39 -13.20
C VAL A 199 -8.07 -13.59 -12.22
N LEU A 200 -9.17 -13.81 -11.48
CA LEU A 200 -9.26 -14.90 -10.53
C LEU A 200 -9.22 -16.27 -11.21
N HIS A 201 -9.77 -16.41 -12.44
CA HIS A 201 -9.80 -17.69 -13.15
C HIS A 201 -8.65 -17.86 -14.17
N GLY A 202 -7.84 -16.84 -14.42
CA GLY A 202 -6.62 -16.97 -15.20
C GLY A 202 -6.57 -16.42 -16.61
N THR A 203 -7.73 -16.21 -17.29
CA THR A 203 -7.74 -15.68 -18.65
C THR A 203 -8.12 -14.21 -18.58
N TYR A 204 -7.16 -13.32 -18.75
CA TYR A 204 -7.47 -11.91 -18.71
C TYR A 204 -6.63 -11.14 -19.70
N ASP A 205 -7.09 -9.93 -19.99
CA ASP A 205 -6.48 -9.00 -20.94
C ASP A 205 -6.65 -7.58 -20.37
N GLU A 206 -6.32 -6.55 -21.16
CA GLU A 206 -6.39 -5.15 -20.71
C GLU A 206 -7.81 -4.72 -20.17
N LYS A 207 -8.89 -5.39 -20.53
CA LYS A 207 -10.22 -5.05 -20.01
C LYS A 207 -10.33 -5.20 -18.46
N CYS A 208 -9.41 -5.95 -17.80
CA CYS A 208 -9.44 -6.07 -16.35
C CYS A 208 -9.24 -4.68 -15.68
N ASP A 209 -8.53 -3.75 -16.33
CA ASP A 209 -8.29 -2.41 -15.77
C ASP A 209 -9.52 -1.51 -15.83
N VAL A 210 -10.42 -1.78 -16.79
CA VAL A 210 -11.68 -1.04 -16.93
C VAL A 210 -12.58 -1.44 -15.76
N TRP A 211 -12.62 -2.73 -15.43
CA TRP A 211 -13.39 -3.23 -14.30
C TRP A 211 -12.92 -2.58 -13.01
N SER A 212 -11.60 -2.61 -12.75
CA SER A 212 -11.02 -2.02 -11.54
C SER A 212 -11.37 -0.56 -11.44
N THR A 213 -11.31 0.17 -12.59
CA THR A 213 -11.68 1.60 -12.60
C THR A 213 -13.15 1.77 -12.30
N GLY A 214 -13.98 0.85 -12.79
CA GLY A 214 -15.42 0.82 -12.56
C GLY A 214 -15.75 0.71 -11.09
N VAL A 215 -14.99 -0.13 -10.37
CA VAL A 215 -15.13 -0.30 -8.92
C VAL A 215 -14.74 1.01 -8.22
N ILE A 216 -13.62 1.62 -8.61
CA ILE A 216 -13.16 2.85 -7.98
C ILE A 216 -14.25 3.94 -8.17
N LEU A 217 -14.77 4.07 -9.40
CA LEU A 217 -15.83 5.04 -9.69
C LEU A 217 -17.06 4.78 -8.80
N TYR A 218 -17.48 3.52 -8.66
CA TYR A 218 -18.60 3.16 -7.77
C TYR A 218 -18.35 3.65 -6.32
N ILE A 219 -17.12 3.48 -5.81
CA ILE A 219 -16.75 3.93 -4.46
C ILE A 219 -16.68 5.47 -4.41
N LEU A 220 -16.18 6.14 -5.47
CA LEU A 220 -16.14 7.61 -5.47
C LEU A 220 -17.53 8.23 -5.33
N LEU A 221 -18.55 7.62 -5.97
CA LEU A 221 -19.91 8.18 -5.98
C LEU A 221 -20.81 7.68 -4.82
N SER A 222 -20.46 6.58 -4.13
CA SER A 222 -21.26 6.08 -3.01
C SER A 222 -20.46 5.88 -1.69
N GLY A 223 -19.13 5.81 -1.79
CA GLY A 223 -18.25 5.51 -0.67
C GLY A 223 -18.32 4.09 -0.16
N CYS A 224 -18.96 3.17 -0.93
N CYS A 224 -18.96 3.17 -0.92
CA CYS A 224 -19.12 1.77 -0.53
CA CYS A 224 -19.13 1.78 -0.51
C CYS A 224 -18.61 0.87 -1.62
C CYS A 224 -18.62 0.86 -1.61
N PRO A 225 -17.78 -0.15 -1.33
CA PRO A 225 -17.38 -1.08 -2.40
C PRO A 225 -18.59 -1.84 -3.01
N PRO A 226 -18.67 -1.96 -4.35
CA PRO A 226 -19.81 -2.71 -4.95
C PRO A 226 -19.82 -4.19 -4.57
N PHE A 227 -18.64 -4.80 -4.36
CA PHE A 227 -18.51 -6.20 -3.96
C PHE A 227 -17.85 -6.19 -2.60
N ASN A 228 -18.62 -6.50 -1.57
CA ASN A 228 -18.13 -6.41 -0.19
C ASN A 228 -18.36 -7.74 0.54
N GLY A 229 -17.82 -7.84 1.74
CA GLY A 229 -17.90 -9.04 2.56
C GLY A 229 -17.12 -8.88 3.85
N ALA A 230 -17.41 -9.75 4.84
CA ALA A 230 -16.79 -9.66 6.17
C ALA A 230 -15.32 -10.14 6.19
N ASN A 231 -14.81 -10.73 5.10
CA ASN A 231 -13.43 -11.17 5.02
C ASN A 231 -13.01 -11.29 3.56
N GLU A 232 -11.70 -11.44 3.30
CA GLU A 232 -11.18 -11.45 1.94
C GLU A 232 -11.91 -12.45 1.07
N TYR A 233 -12.07 -13.67 1.54
CA TYR A 233 -12.69 -14.69 0.71
C TYR A 233 -14.16 -14.38 0.39
N ASP A 234 -14.92 -13.78 1.32
CA ASP A 234 -16.30 -13.41 1.03
C ASP A 234 -16.36 -12.31 -0.03
N ILE A 235 -15.40 -11.38 -0.02
CA ILE A 235 -15.35 -10.33 -1.05
C ILE A 235 -15.11 -10.99 -2.42
N LEU A 236 -14.13 -11.90 -2.49
CA LEU A 236 -13.81 -12.62 -3.75
C LEU A 236 -14.99 -13.43 -4.27
N LYS A 237 -15.85 -13.93 -3.37
CA LYS A 237 -17.04 -14.71 -3.77
C LYS A 237 -18.04 -13.79 -4.46
N LYS A 238 -18.23 -12.59 -3.91
CA LYS A 238 -19.11 -11.57 -4.51
C LYS A 238 -18.55 -11.10 -5.85
N VAL A 239 -17.23 -10.87 -5.95
CA VAL A 239 -16.57 -10.48 -7.20
C VAL A 239 -16.76 -11.55 -8.27
N GLU A 240 -16.51 -12.81 -7.89
CA GLU A 240 -16.67 -13.94 -8.81
C GLU A 240 -18.12 -14.05 -9.33
N LYS A 241 -19.13 -13.81 -8.47
CA LYS A 241 -20.53 -13.86 -8.93
C LYS A 241 -20.85 -12.65 -9.85
N GLY A 242 -20.17 -11.53 -9.60
N GLY A 242 -20.17 -11.53 -9.60
CA GLY A 242 -20.28 -10.33 -10.41
C GLY A 242 -21.55 -9.49 -10.24
C GLY A 242 -21.55 -9.50 -10.23
N LYS A 243 -22.39 -9.82 -9.25
CA LYS A 243 -23.65 -9.11 -9.04
C LYS A 243 -23.50 -8.03 -7.98
N TYR A 244 -24.07 -6.88 -8.28
CA TYR A 244 -24.05 -5.70 -7.42
C TYR A 244 -25.30 -4.88 -7.73
N THR A 245 -25.62 -3.88 -6.88
CA THR A 245 -26.81 -3.04 -7.10
C THR A 245 -26.53 -1.57 -6.79
N PHE A 246 -27.44 -0.70 -7.22
CA PHE A 246 -27.41 0.73 -6.92
C PHE A 246 -28.55 1.03 -5.92
N GLU A 247 -28.86 0.06 -5.01
CA GLU A 247 -29.95 0.14 -4.04
C GLU A 247 -29.46 0.65 -2.66
N LEU A 248 -28.75 1.78 -2.66
CA LEU A 248 -28.31 2.46 -1.44
C LEU A 248 -28.89 3.85 -1.53
N PRO A 249 -29.33 4.48 -0.41
CA PRO A 249 -29.96 5.82 -0.51
C PRO A 249 -29.11 6.84 -1.29
N GLN A 250 -27.79 6.85 -1.03
CA GLN A 250 -26.83 7.77 -1.67
C GLN A 250 -26.82 7.69 -3.22
N TRP A 251 -27.30 6.60 -3.84
CA TRP A 251 -27.35 6.52 -5.31
C TRP A 251 -28.49 7.37 -5.90
N LYS A 252 -29.50 7.77 -5.11
CA LYS A 252 -30.64 8.57 -5.62
C LYS A 252 -30.18 9.96 -6.12
N LYS A 253 -29.18 10.58 -5.47
CA LYS A 253 -28.66 11.91 -5.86
C LYS A 253 -27.67 11.83 -7.05
N VAL A 254 -27.26 10.62 -7.46
CA VAL A 254 -26.30 10.43 -8.55
C VAL A 254 -27.04 10.35 -9.90
N SER A 255 -26.42 10.92 -10.95
CA SER A 255 -26.96 10.96 -12.31
C SER A 255 -27.09 9.55 -12.90
N GLU A 256 -27.98 9.43 -13.89
CA GLU A 256 -28.25 8.16 -14.56
C GLU A 256 -27.12 7.82 -15.53
N SER A 257 -26.49 8.85 -16.15
CA SER A 257 -25.35 8.60 -17.06
C SER A 257 -24.17 8.03 -16.27
N ALA A 258 -23.97 8.43 -15.00
CA ALA A 258 -22.89 7.85 -14.18
C ALA A 258 -23.12 6.36 -13.98
N LYS A 259 -24.36 5.97 -13.61
CA LYS A 259 -24.74 4.57 -13.37
C LYS A 259 -24.63 3.74 -14.65
N ASP A 260 -24.90 4.35 -15.82
CA ASP A 260 -24.76 3.67 -17.11
C ASP A 260 -23.30 3.36 -17.37
N LEU A 261 -22.39 4.30 -17.05
CA LEU A 261 -20.95 4.06 -17.27
C LEU A 261 -20.45 2.93 -16.37
N ILE A 262 -20.83 2.96 -15.09
CA ILE A 262 -20.45 1.93 -14.12
C ILE A 262 -20.93 0.56 -14.63
N ARG A 263 -22.19 0.50 -15.13
CA ARG A 263 -22.80 -0.71 -15.66
C ARG A 263 -21.97 -1.27 -16.83
N LYS A 264 -21.50 -0.38 -17.70
CA LYS A 264 -20.69 -0.79 -18.84
C LYS A 264 -19.27 -1.23 -18.39
N MET A 265 -18.70 -0.57 -17.39
CA MET A 265 -17.36 -0.90 -16.88
C MET A 265 -17.40 -2.17 -16.04
N LEU A 266 -18.50 -2.44 -15.30
CA LEU A 266 -18.61 -3.64 -14.48
C LEU A 266 -19.42 -4.72 -15.20
N THR A 267 -19.27 -4.81 -16.52
CA THR A 267 -19.91 -5.84 -17.33
C THR A 267 -19.02 -7.06 -17.16
N TYR A 268 -19.63 -8.20 -16.81
CA TYR A 268 -18.90 -9.41 -16.46
C TYR A 268 -18.01 -9.97 -17.58
N VAL A 269 -18.57 -10.23 -18.76
CA VAL A 269 -17.80 -10.86 -19.84
C VAL A 269 -16.88 -9.78 -20.44
N PRO A 270 -15.54 -9.92 -20.36
CA PRO A 270 -14.66 -8.83 -20.78
C PRO A 270 -14.82 -8.38 -22.24
N SER A 271 -15.15 -9.28 -23.18
CA SER A 271 -15.38 -8.88 -24.58
C SER A 271 -16.60 -7.94 -24.71
N MET A 272 -17.56 -7.97 -23.73
CA MET A 272 -18.77 -7.13 -23.73
CA MET A 272 -18.76 -7.11 -23.75
C MET A 272 -18.53 -5.84 -22.95
N ARG A 273 -17.46 -5.81 -22.14
CA ARG A 273 -17.11 -4.68 -21.31
C ARG A 273 -16.60 -3.54 -22.17
N ILE A 274 -16.96 -2.32 -21.81
CA ILE A 274 -16.51 -1.12 -22.53
C ILE A 274 -14.97 -1.01 -22.46
N SER A 275 -14.36 -0.48 -23.53
CA SER A 275 -12.91 -0.27 -23.53
C SER A 275 -12.62 1.02 -22.75
N ALA A 276 -11.37 1.21 -22.31
CA ALA A 276 -10.98 2.43 -21.60
C ALA A 276 -11.22 3.64 -22.51
N ARG A 277 -10.87 3.51 -23.78
CA ARG A 277 -11.02 4.59 -24.76
C ARG A 277 -12.48 5.00 -24.87
N ASP A 278 -13.40 4.04 -25.00
CA ASP A 278 -14.83 4.38 -25.16
C ASP A 278 -15.43 4.88 -23.83
N ALA A 279 -14.86 4.52 -22.68
CA ALA A 279 -15.33 5.05 -21.39
C ALA A 279 -15.05 6.57 -21.32
N LEU A 280 -13.98 7.06 -22.00
CA LEU A 280 -13.67 8.51 -22.07
C LEU A 280 -14.71 9.28 -22.88
N ASP A 281 -15.19 8.66 -23.98
CA ASP A 281 -16.21 9.27 -24.83
C ASP A 281 -17.61 9.14 -24.23
N HIS A 282 -17.76 8.45 -23.07
CA HIS A 282 -19.08 8.27 -22.45
C HIS A 282 -19.67 9.61 -22.07
N GLU A 283 -20.99 9.76 -22.26
CA GLU A 283 -21.75 10.98 -21.96
C GLU A 283 -21.42 11.56 -20.58
N TRP A 284 -21.31 10.70 -19.54
CA TRP A 284 -20.98 11.15 -18.19
C TRP A 284 -19.65 11.90 -18.13
N ILE A 285 -18.60 11.38 -18.79
CA ILE A 285 -17.28 12.03 -18.77
C ILE A 285 -17.34 13.33 -19.59
N GLN A 286 -18.05 13.31 -20.71
CA GLN A 286 -18.16 14.49 -21.58
C GLN A 286 -18.95 15.62 -20.88
N THR A 287 -20.07 15.29 -20.24
CA THR A 287 -20.92 16.27 -19.55
C THR A 287 -20.28 16.83 -18.29
N TYR A 288 -19.73 15.96 -17.41
CA TYR A 288 -19.25 16.38 -16.10
C TYR A 288 -17.77 16.87 -16.10
N THR A 289 -17.09 16.95 -17.26
CA THR A 289 -15.72 17.53 -17.31
C THR A 289 -15.68 18.71 -18.30
N LYS A 290 -16.81 19.45 -18.44
CA LYS A 290 -16.92 20.61 -19.33
C LYS A 290 -17.79 21.70 -18.69
N VAL A 295 -28.56 20.95 -15.14
CA VAL A 295 -27.14 20.70 -14.90
C VAL A 295 -26.75 21.03 -13.44
N ASP A 296 -27.65 20.75 -12.47
CA ASP A 296 -27.37 21.00 -11.05
C ASP A 296 -26.45 19.90 -10.51
N VAL A 297 -25.39 20.29 -9.76
CA VAL A 297 -24.40 19.32 -9.24
C VAL A 297 -24.21 19.50 -7.70
N PRO A 298 -24.96 18.74 -6.88
CA PRO A 298 -24.80 18.85 -5.42
C PRO A 298 -23.55 18.13 -4.89
N SER A 299 -23.22 18.38 -3.61
CA SER A 299 -22.12 17.69 -2.97
C SER A 299 -22.63 16.32 -2.50
N LEU A 300 -21.85 15.26 -2.77
CA LEU A 300 -22.20 13.89 -2.35
C LEU A 300 -21.66 13.72 -0.94
N ASP A 301 -22.41 14.26 0.04
CA ASP A 301 -21.98 14.28 1.45
C ASP A 301 -21.94 12.88 2.06
N ASN A 302 -22.98 12.06 1.82
CA ASN A 302 -23.02 10.69 2.37
C ASN A 302 -21.86 9.86 1.80
N ALA A 303 -21.49 10.08 0.52
CA ALA A 303 -20.37 9.37 -0.12
C ALA A 303 -19.04 9.73 0.55
N ILE A 304 -18.79 11.04 0.83
CA ILE A 304 -17.55 11.48 1.50
C ILE A 304 -17.43 10.82 2.87
N LEU A 305 -18.53 10.83 3.63
CA LEU A 305 -18.58 10.24 4.97
C LEU A 305 -18.24 8.76 4.90
N ASN A 306 -18.84 8.05 3.92
CA ASN A 306 -18.58 6.63 3.74
C ASN A 306 -17.12 6.39 3.28
N ILE A 307 -16.55 7.26 2.39
CA ILE A 307 -15.14 7.09 1.95
C ILE A 307 -14.21 7.32 3.17
N ARG A 308 -14.50 8.33 4.01
CA ARG A 308 -13.72 8.62 5.21
C ARG A 308 -13.70 7.38 6.16
N GLN A 309 -14.87 6.78 6.39
CA GLN A 309 -14.98 5.58 7.24
C GLN A 309 -14.29 4.39 6.59
N PHE A 310 -14.49 4.23 5.28
CA PHE A 310 -13.83 3.15 4.56
C PHE A 310 -12.31 3.29 4.65
N GLN A 311 -11.80 4.50 4.41
CA GLN A 311 -10.36 4.73 4.43
C GLN A 311 -9.78 4.49 5.84
N GLY A 312 -10.44 4.98 6.87
CA GLY A 312 -10.02 4.76 8.26
C GLY A 312 -9.95 3.28 8.61
N THR A 313 -10.95 2.50 8.16
CA THR A 313 -11.00 1.04 8.43
C THR A 313 -9.86 0.31 7.76
N GLN A 314 -9.64 0.60 6.47
CA GLN A 314 -8.58 -0.05 5.72
C GLN A 314 -7.20 0.29 6.33
N LYS A 315 -6.99 1.54 6.70
CA LYS A 315 -5.72 1.97 7.26
C LYS A 315 -5.46 1.34 8.65
N LEU A 316 -6.51 1.15 9.47
CA LEU A 316 -6.33 0.56 10.79
C LEU A 316 -6.03 -0.94 10.68
N ALA A 317 -6.74 -1.66 9.78
CA ALA A 317 -6.47 -3.09 9.51
C ALA A 317 -5.03 -3.25 9.02
N GLN A 318 -4.60 -2.39 8.08
N GLN A 318 -4.61 -2.39 8.08
CA GLN A 318 -3.24 -2.41 7.54
CA GLN A 318 -3.25 -2.39 7.53
C GLN A 318 -2.22 -2.11 8.66
C GLN A 318 -2.22 -2.09 8.62
N ALA A 319 -2.49 -1.07 9.47
CA ALA A 319 -1.59 -0.70 10.57
C ALA A 319 -1.45 -1.86 11.58
N ALA A 320 -2.56 -2.56 11.85
CA ALA A 320 -2.57 -3.71 12.78
C ALA A 320 -1.69 -4.85 12.25
N LEU A 321 -1.82 -5.21 10.98
CA LEU A 321 -1.02 -6.29 10.40
C LEU A 321 0.48 -5.91 10.35
N LEU A 322 0.82 -4.65 10.04
CA LEU A 322 2.22 -4.23 9.97
C LEU A 322 2.85 -4.14 11.36
N TYR A 323 2.07 -3.75 12.38
CA TYR A 323 2.51 -3.73 13.76
C TYR A 323 2.89 -5.16 14.19
N MET A 324 2.02 -6.12 13.89
CA MET A 324 2.29 -7.53 14.24
C MET A 324 3.51 -8.07 13.47
N GLY A 325 3.63 -7.71 12.20
CA GLY A 325 4.76 -8.12 11.37
C GLY A 325 6.09 -7.57 11.86
N SER A 326 6.12 -6.26 12.20
CA SER A 326 7.36 -5.65 12.68
C SER A 326 7.74 -6.19 14.07
N LYS A 327 6.75 -6.52 14.90
CA LYS A 327 6.99 -7.08 16.23
C LYS A 327 7.65 -8.48 16.11
N LEU A 328 7.18 -9.32 15.17
CA LEU A 328 7.79 -10.64 14.91
C LEU A 328 9.23 -10.48 14.32
N THR A 329 9.38 -9.58 13.32
CA THR A 329 10.71 -9.30 12.72
C THR A 329 11.66 -8.78 13.79
N SER A 330 11.18 -7.90 14.67
CA SER A 330 11.98 -7.34 15.76
C SER A 330 12.45 -8.43 16.71
N GLN A 331 11.57 -9.40 17.04
CA GLN A 331 11.94 -10.52 17.93
C GLN A 331 13.02 -11.37 17.28
N ASP A 332 12.87 -11.67 15.98
CA ASP A 332 13.85 -12.46 15.21
C ASP A 332 15.23 -11.74 15.23
N GLU A 333 15.23 -10.46 14.83
CA GLU A 333 16.45 -9.64 14.71
C GLU A 333 17.10 -9.35 16.09
N THR A 334 16.29 -9.16 17.15
CA THR A 334 16.81 -8.92 18.50
C THR A 334 17.66 -10.11 18.95
N LYS A 335 17.15 -11.32 18.74
CA LYS A 335 17.81 -12.56 19.12
C LYS A 335 19.04 -12.82 18.24
N GLU A 336 18.94 -12.54 16.91
CA GLU A 336 20.06 -12.76 15.98
C GLU A 336 21.22 -11.79 16.29
N LEU A 337 20.90 -10.51 16.53
CA LEU A 337 21.92 -9.50 16.81
C LEU A 337 22.58 -9.77 18.18
N THR A 338 21.82 -10.32 19.14
CA THR A 338 22.36 -10.66 20.46
C THR A 338 23.39 -11.79 20.29
N ALA A 339 23.06 -12.83 19.49
CA ALA A 339 23.95 -13.96 19.23
C ALA A 339 25.20 -13.53 18.49
N ILE A 340 25.06 -12.64 17.50
CA ILE A 340 26.21 -12.14 16.75
C ILE A 340 27.16 -11.43 17.73
N PHE A 341 26.65 -10.48 18.52
CA PHE A 341 27.49 -9.73 19.47
C PHE A 341 28.03 -10.60 20.60
N HIS A 342 27.27 -11.64 21.07
CA HIS A 342 27.76 -12.53 22.12
C HIS A 342 28.99 -13.31 21.61
N LYS A 343 28.97 -13.78 20.35
CA LYS A 343 30.10 -14.47 19.74
C LYS A 343 31.30 -13.50 19.55
N MET A 344 31.02 -12.23 19.19
CA MET A 344 32.06 -11.22 19.01
C MET A 344 32.64 -10.73 20.36
N ASP A 345 31.93 -10.99 21.49
CA ASP A 345 32.42 -10.60 22.82
C ASP A 345 33.58 -11.54 23.21
N LYS A 346 34.82 -11.06 22.99
CA LYS A 346 36.05 -11.85 23.21
C LYS A 346 36.24 -12.29 24.69
N ASN A 347 36.09 -11.35 25.66
CA ASN A 347 36.32 -11.66 27.08
C ASN A 347 35.01 -11.91 27.88
N GLY A 348 33.84 -11.61 27.28
CA GLY A 348 32.55 -11.82 27.93
C GLY A 348 32.17 -10.75 28.94
N ASP A 349 32.62 -9.49 28.74
CA ASP A 349 32.28 -8.37 29.63
C ASP A 349 30.96 -7.65 29.20
N GLY A 350 30.30 -8.15 28.16
CA GLY A 350 29.07 -7.59 27.65
C GLY A 350 29.25 -6.28 26.88
N GLN A 351 30.50 -5.89 26.56
CA GLN A 351 30.77 -4.62 25.89
C GLN A 351 31.56 -4.82 24.59
N LEU A 352 31.34 -3.92 23.62
CA LEU A 352 32.01 -3.95 22.31
C LEU A 352 32.32 -2.53 21.80
N ASP A 353 33.34 -2.40 20.94
CA ASP A 353 33.70 -1.10 20.34
C ASP A 353 32.75 -0.77 19.16
N ARG A 354 32.80 0.49 18.67
CA ARG A 354 31.98 0.96 17.54
C ARG A 354 32.24 0.11 16.28
N ALA A 355 33.52 -0.14 15.96
CA ALA A 355 33.94 -0.95 14.79
C ALA A 355 33.33 -2.35 14.83
N GLU A 356 33.27 -2.96 16.04
CA GLU A 356 32.70 -4.30 16.22
C GLU A 356 31.18 -4.28 16.01
N LEU A 357 30.48 -3.24 16.55
CA LEU A 357 29.03 -3.12 16.40
C LEU A 357 28.64 -2.94 14.93
N ILE A 358 29.45 -2.20 14.13
CA ILE A 358 29.23 -2.05 12.69
C ILE A 358 29.34 -3.43 12.02
N GLU A 359 30.42 -4.18 12.33
CA GLU A 359 30.67 -5.51 11.78
C GLU A 359 29.47 -6.43 12.04
N GLY A 360 28.96 -6.44 13.28
CA GLY A 360 27.83 -7.28 13.66
C GLY A 360 26.51 -6.81 13.08
N TYR A 361 26.30 -5.48 12.99
CA TYR A 361 25.08 -4.93 12.40
C TYR A 361 25.08 -5.24 10.87
N LYS A 362 26.26 -5.11 10.22
CA LYS A 362 26.40 -5.48 8.80
C LYS A 362 26.19 -6.99 8.64
N GLU A 363 26.74 -7.79 9.58
CA GLU A 363 26.57 -9.27 9.57
C GLU A 363 25.07 -9.64 9.61
N LEU A 364 24.27 -8.90 10.43
CA LEU A 364 22.83 -9.13 10.57
C LEU A 364 22.14 -9.00 9.22
N MET A 365 22.39 -7.89 8.48
CA MET A 365 21.77 -7.69 7.16
C MET A 365 22.38 -8.62 6.09
N ARG A 366 23.65 -9.05 6.23
CA ARG A 366 24.25 -10.00 5.27
C ARG A 366 23.47 -11.33 5.27
N MET A 367 23.07 -11.82 6.46
CA MET A 367 22.34 -13.09 6.63
C MET A 367 20.82 -12.91 6.46
N LYS A 368 20.25 -11.81 7.02
CA LYS A 368 18.81 -11.54 6.96
C LYS A 368 18.40 -10.74 5.69
N GLY A 369 19.36 -10.39 4.83
CA GLY A 369 19.10 -9.64 3.61
C GLY A 369 19.17 -8.14 3.84
N GLN A 370 19.67 -7.40 2.82
CA GLN A 370 19.82 -5.94 2.90
C GLN A 370 18.48 -5.23 3.15
N ASP A 371 18.48 -4.27 4.08
CA ASP A 371 17.31 -3.47 4.42
C ASP A 371 17.23 -2.34 3.41
N ALA A 372 16.02 -1.97 2.96
CA ALA A 372 15.84 -0.90 1.97
C ALA A 372 16.41 0.44 2.46
N SER A 373 16.28 0.74 3.77
CA SER A 373 16.82 1.99 4.36
C SER A 373 18.37 1.93 4.56
N MET A 374 18.98 0.73 4.49
CA MET A 374 20.44 0.53 4.64
C MET A 374 20.99 0.11 3.26
N LEU A 375 20.88 1.00 2.25
CA LEU A 375 21.27 0.72 0.85
C LEU A 375 22.74 0.28 0.68
N ASP A 376 23.66 0.82 1.49
CA ASP A 376 25.08 0.46 1.39
C ASP A 376 25.75 0.52 2.77
N ALA A 377 27.07 0.23 2.83
CA ALA A 377 27.84 0.22 4.09
C ALA A 377 27.80 1.58 4.82
N SER A 378 27.83 2.70 4.06
CA SER A 378 27.79 4.05 4.65
C SER A 378 26.46 4.29 5.40
N ALA A 379 25.33 3.77 4.87
CA ALA A 379 24.01 3.91 5.52
C ALA A 379 23.96 3.11 6.83
N VAL A 380 24.63 1.95 6.85
CA VAL A 380 24.72 1.08 8.03
C VAL A 380 25.49 1.81 9.14
N GLU A 381 26.63 2.45 8.79
CA GLU A 381 27.46 3.17 9.75
C GLU A 381 26.69 4.36 10.37
N HIS A 382 25.89 5.09 9.56
N HIS A 382 25.89 5.08 9.55
CA HIS A 382 25.10 6.21 10.07
CA HIS A 382 25.11 6.23 10.03
C HIS A 382 24.03 5.72 11.04
C HIS A 382 23.97 5.77 10.96
N GLU A 383 23.40 4.57 10.75
CA GLU A 383 22.37 4.01 11.65
C GLU A 383 23.02 3.65 12.99
N VAL A 384 24.22 3.04 12.93
CA VAL A 384 24.97 2.67 14.14
C VAL A 384 25.33 3.96 14.91
N ASP A 385 25.74 5.04 14.20
CA ASP A 385 26.10 6.32 14.85
C ASP A 385 24.87 6.94 15.53
N GLN A 386 23.68 6.87 14.92
CA GLN A 386 22.45 7.38 15.54
C GLN A 386 22.14 6.63 16.85
N VAL A 387 22.32 5.30 16.88
CA VAL A 387 22.07 4.48 18.07
C VAL A 387 23.15 4.79 19.16
N LEU A 388 24.43 4.87 18.77
CA LEU A 388 25.51 5.17 19.72
C LEU A 388 25.33 6.55 20.37
N ASP A 389 24.65 7.50 19.70
CA ASP A 389 24.40 8.83 20.29
C ASP A 389 23.37 8.73 21.43
N ALA A 390 22.38 7.82 21.30
CA ALA A 390 21.38 7.58 22.35
C ALA A 390 21.94 6.71 23.51
N VAL A 391 22.85 5.75 23.18
CA VAL A 391 23.45 4.84 24.15
C VAL A 391 24.97 4.89 24.04
N ILE A 399 31.10 -0.09 25.00
CA ILE A 399 29.67 0.17 25.20
C ILE A 399 28.91 -1.15 25.36
N GLU A 400 27.90 -1.17 26.27
CA GLU A 400 27.05 -2.34 26.51
C GLU A 400 26.25 -2.68 25.24
N TYR A 401 26.54 -3.84 24.60
CA TYR A 401 25.89 -4.17 23.33
C TYR A 401 24.40 -4.48 23.53
N SER A 402 23.97 -4.96 24.72
CA SER A 402 22.55 -5.23 24.97
C SER A 402 21.71 -3.94 24.86
N GLU A 403 22.26 -2.80 25.33
CA GLU A 403 21.60 -1.48 25.23
C GLU A 403 21.52 -1.04 23.77
N PHE A 404 22.62 -1.30 23.00
CA PHE A 404 22.66 -0.99 21.57
C PHE A 404 21.59 -1.80 20.83
N VAL A 405 21.43 -3.10 21.18
CA VAL A 405 20.43 -3.97 20.54
C VAL A 405 19.02 -3.40 20.78
N THR A 406 18.68 -3.11 22.05
CA THR A 406 17.36 -2.58 22.42
C THR A 406 17.02 -1.31 21.64
N VAL A 407 17.92 -0.31 21.65
CA VAL A 407 17.68 0.97 20.98
C VAL A 407 17.65 0.76 19.45
N ALA A 408 18.54 -0.09 18.90
CA ALA A 408 18.58 -0.31 17.44
C ALA A 408 17.28 -0.93 16.95
N MET A 409 16.71 -1.86 17.73
CA MET A 409 15.50 -2.59 17.35
C MET A 409 14.22 -1.76 17.61
N ASP A 410 14.19 -0.91 18.67
CA ASP A 410 13.04 -0.02 18.92
C ASP A 410 12.93 1.04 17.80
N ARG A 411 14.06 1.50 17.24
CA ARG A 411 14.04 2.43 16.11
C ARG A 411 13.40 1.78 14.87
N LYS A 412 13.62 0.47 14.66
CA LYS A 412 13.03 -0.26 13.54
C LYS A 412 11.50 -0.33 13.65
N THR A 413 10.94 -0.51 14.87
CA THR A 413 9.49 -0.63 15.05
C THR A 413 8.80 0.72 15.23
N LEU A 414 9.54 1.80 15.63
CA LEU A 414 8.96 3.13 15.88
C LEU A 414 7.83 3.47 14.90
N LEU A 415 8.13 3.48 13.59
CA LEU A 415 7.19 3.86 12.55
C LEU A 415 5.90 3.01 12.63
N SER A 416 6.01 1.68 12.80
CA SER A 416 4.83 0.81 12.86
C SER A 416 4.01 1.04 14.15
N ARG A 417 4.66 1.29 15.29
CA ARG A 417 3.92 1.54 16.54
C ARG A 417 3.15 2.89 16.44
N GLU A 418 3.80 3.97 15.98
CA GLU A 418 3.12 5.27 15.88
C GLU A 418 2.06 5.24 14.77
N ARG A 419 2.28 4.43 13.68
CA ARG A 419 1.27 4.29 12.62
C ARG A 419 0.02 3.63 13.22
N LEU A 420 0.19 2.63 14.13
CA LEU A 420 -0.93 1.93 14.74
C LEU A 420 -1.73 2.86 15.62
N GLU A 421 -1.07 3.61 16.52
CA GLU A 421 -1.81 4.51 17.38
C GLU A 421 -2.51 5.59 16.56
N ARG A 422 -1.81 6.18 15.57
CA ARG A 422 -2.41 7.22 14.73
C ARG A 422 -3.63 6.66 13.99
N ALA A 423 -3.53 5.45 13.43
CA ALA A 423 -4.65 4.85 12.72
C ALA A 423 -5.82 4.54 13.68
N PHE A 424 -5.54 4.14 14.92
CA PHE A 424 -6.60 3.90 15.90
C PHE A 424 -7.35 5.22 16.17
N ARG A 425 -6.60 6.30 16.43
CA ARG A 425 -7.18 7.63 16.69
C ARG A 425 -8.00 8.11 15.51
N MET A 426 -7.52 7.90 14.25
CA MET A 426 -8.28 8.32 13.07
C MET A 426 -9.58 7.52 12.92
N PHE A 427 -9.53 6.21 13.20
CA PHE A 427 -10.69 5.35 13.11
C PHE A 427 -11.75 5.75 14.16
N ASP A 428 -11.29 6.09 15.35
CA ASP A 428 -12.14 6.53 16.44
C ASP A 428 -12.54 7.98 16.18
N SER A 429 -13.39 8.19 15.17
CA SER A 429 -13.80 9.52 14.68
C SER A 429 -14.62 10.36 15.70
N ASP A 430 -15.30 9.71 16.66
N ASP A 430 -15.30 9.72 16.66
CA ASP A 430 -16.06 10.43 17.72
CA ASP A 430 -16.07 10.43 17.69
C ASP A 430 -15.20 10.74 18.94
C ASP A 430 -15.22 10.70 18.95
N ASN A 431 -13.90 10.36 18.91
CA ASN A 431 -12.97 10.56 20.03
C ASN A 431 -13.52 9.95 21.32
N SER A 432 -14.19 8.78 21.22
CA SER A 432 -14.73 8.09 22.38
C SER A 432 -13.61 7.40 23.17
N GLY A 433 -12.47 7.18 22.52
CA GLY A 433 -11.34 6.48 23.10
C GLY A 433 -11.45 4.98 22.93
N LYS A 434 -12.61 4.49 22.42
CA LYS A 434 -12.89 3.05 22.31
C LYS A 434 -13.42 2.65 20.96
N ILE A 435 -13.27 1.36 20.63
N ILE A 435 -13.28 1.37 20.62
CA ILE A 435 -13.77 0.73 19.42
CA ILE A 435 -13.90 0.79 19.43
C ILE A 435 -14.70 -0.41 19.87
C ILE A 435 -14.75 -0.36 19.91
N SER A 436 -15.94 -0.50 19.34
CA SER A 436 -16.90 -1.52 19.74
C SER A 436 -16.55 -2.90 19.19
N SER A 437 -17.23 -3.96 19.69
N SER A 437 -17.24 -3.95 19.70
CA SER A 437 -17.01 -5.32 19.20
CA SER A 437 -17.04 -5.33 19.22
C SER A 437 -17.40 -5.45 17.73
C SER A 437 -17.42 -5.47 17.74
N THR A 438 -18.43 -4.69 17.28
CA THR A 438 -18.85 -4.70 15.86
C THR A 438 -17.73 -4.09 15.00
N GLU A 439 -17.10 -3.03 15.49
CA GLU A 439 -15.99 -2.41 14.77
C GLU A 439 -14.78 -3.37 14.79
N LEU A 440 -14.51 -4.06 15.93
CA LEU A 440 -13.43 -5.06 15.97
C LEU A 440 -13.67 -6.13 14.94
N ALA A 441 -14.93 -6.62 14.81
CA ALA A 441 -15.27 -7.63 13.81
C ALA A 441 -14.97 -7.14 12.39
N THR A 442 -15.28 -5.86 12.10
CA THR A 442 -15.01 -5.26 10.78
C THR A 442 -13.50 -5.14 10.53
N ILE A 443 -12.76 -4.62 11.52
CA ILE A 443 -11.31 -4.45 11.41
C ILE A 443 -10.63 -5.81 11.22
N PHE A 444 -10.94 -6.78 12.10
CA PHE A 444 -10.30 -8.10 12.02
C PHE A 444 -10.76 -8.87 10.77
N GLY A 445 -11.95 -8.57 10.27
CA GLY A 445 -12.43 -9.15 9.02
C GLY A 445 -11.55 -8.72 7.86
N VAL A 446 -11.28 -7.40 7.76
CA VAL A 446 -10.40 -6.83 6.72
C VAL A 446 -8.93 -7.34 6.92
N SER A 447 -8.50 -7.54 8.19
CA SER A 447 -7.18 -8.07 8.55
C SER A 447 -7.08 -9.62 8.38
N ASP A 448 -8.20 -10.31 8.13
CA ASP A 448 -8.31 -11.76 7.97
C ASP A 448 -7.90 -12.51 9.26
N VAL A 449 -8.31 -11.99 10.41
CA VAL A 449 -8.08 -12.65 11.69
C VAL A 449 -9.40 -13.34 12.03
N ASP A 450 -9.36 -14.68 12.16
CA ASP A 450 -10.53 -15.52 12.47
C ASP A 450 -11.29 -14.96 13.70
N SER A 451 -12.63 -14.96 13.62
CA SER A 451 -13.51 -14.42 14.66
C SER A 451 -13.26 -15.04 16.04
N GLU A 452 -13.25 -16.38 16.12
CA GLU A 452 -13.03 -17.10 17.39
C GLU A 452 -11.61 -16.84 17.94
N THR A 453 -10.64 -16.61 17.06
CA THR A 453 -9.26 -16.37 17.46
C THR A 453 -9.13 -15.01 18.20
N TRP A 454 -9.66 -13.90 17.64
CA TRP A 454 -9.52 -12.59 18.30
C TRP A 454 -10.41 -12.47 19.57
N LYS A 455 -11.59 -13.10 19.59
CA LYS A 455 -12.44 -13.08 20.79
C LYS A 455 -11.77 -13.85 21.95
N SER A 456 -11.05 -14.92 21.64
CA SER A 456 -10.32 -15.68 22.65
C SER A 456 -9.21 -14.80 23.26
N VAL A 457 -8.52 -14.04 22.40
CA VAL A 457 -7.44 -13.14 22.81
C VAL A 457 -8.01 -12.03 23.68
N LEU A 458 -9.17 -11.47 23.32
CA LEU A 458 -9.81 -10.42 24.09
C LEU A 458 -10.18 -10.90 25.51
N SER A 459 -10.63 -12.16 25.65
CA SER A 459 -10.99 -12.72 26.95
C SER A 459 -9.77 -12.80 27.89
N GLU A 460 -8.55 -13.01 27.33
CA GLU A 460 -7.32 -13.10 28.12
C GLU A 460 -6.76 -11.69 28.46
N VAL A 461 -6.99 -10.67 27.60
CA VAL A 461 -6.54 -9.29 27.87
C VAL A 461 -7.38 -8.69 29.00
N ASP A 462 -8.71 -8.78 28.85
CA ASP A 462 -9.67 -8.25 29.81
C ASP A 462 -10.80 -9.26 30.03
N LYS A 463 -10.75 -9.98 31.16
CA LYS A 463 -11.75 -11.00 31.50
C LYS A 463 -13.16 -10.41 31.73
N ASN A 464 -13.26 -9.10 32.03
CA ASN A 464 -14.57 -8.45 32.23
C ASN A 464 -14.89 -7.46 31.07
N ASN A 465 -14.42 -7.76 29.83
CA ASN A 465 -14.67 -6.89 28.66
C ASN A 465 -16.19 -6.65 28.47
N ASP A 466 -16.60 -5.38 28.21
CA ASP A 466 -18.01 -4.97 28.09
C ASP A 466 -18.35 -4.51 26.64
N GLY A 467 -17.88 -5.27 25.66
CA GLY A 467 -18.15 -5.02 24.25
C GLY A 467 -17.36 -3.91 23.59
N GLU A 468 -16.24 -3.48 24.18
CA GLU A 468 -15.44 -2.41 23.59
C GLU A 468 -14.02 -2.41 24.16
N VAL A 469 -13.06 -1.89 23.40
CA VAL A 469 -11.66 -1.83 23.84
C VAL A 469 -11.12 -0.45 23.63
N ASP A 470 -10.20 -0.02 24.52
CA ASP A 470 -9.47 1.23 24.33
C ASP A 470 -8.22 0.90 23.49
N PHE A 471 -7.39 1.87 23.21
CA PHE A 471 -6.21 1.64 22.38
C PHE A 471 -5.24 0.62 23.01
N ASP A 472 -4.94 0.75 24.31
CA ASP A 472 -4.00 -0.19 24.96
C ASP A 472 -4.52 -1.63 24.93
N GLU A 473 -5.82 -1.83 25.13
CA GLU A 473 -6.42 -3.18 25.06
C GLU A 473 -6.34 -3.73 23.63
N PHE A 474 -6.58 -2.87 22.62
CA PHE A 474 -6.46 -3.26 21.21
C PHE A 474 -5.02 -3.68 20.89
N GLN A 475 -4.04 -2.88 21.34
CA GLN A 475 -2.63 -3.21 21.14
C GLN A 475 -2.26 -4.53 21.85
N GLN A 476 -2.74 -4.74 23.09
CA GLN A 476 -2.52 -6.00 23.81
C GLN A 476 -3.07 -7.16 23.02
N MET A 477 -4.26 -6.97 22.36
CA MET A 477 -4.85 -8.03 21.56
C MET A 477 -3.92 -8.40 20.39
N LEU A 478 -3.35 -7.40 19.70
CA LEU A 478 -2.45 -7.64 18.58
C LEU A 478 -1.16 -8.33 19.04
N LEU A 479 -0.62 -7.94 20.22
CA LEU A 479 0.59 -8.60 20.77
C LEU A 479 0.34 -10.10 20.98
N LYS A 480 -0.83 -10.45 21.52
CA LYS A 480 -1.23 -11.85 21.72
C LYS A 480 -1.48 -12.56 20.40
N LEU A 481 -1.98 -11.83 19.39
CA LEU A 481 -2.24 -12.40 18.07
C LEU A 481 -0.94 -12.67 17.28
N CYS A 482 0.25 -12.30 17.80
CA CYS A 482 1.50 -12.62 17.14
C CYS A 482 2.50 -13.25 18.15
N GLY A 483 1.99 -14.09 19.05
CA GLY A 483 2.80 -14.86 19.98
C GLY A 483 3.39 -14.14 21.17
N ASN A 484 2.76 -13.05 21.65
CA ASN A 484 3.22 -12.36 22.85
C ASN A 484 2.06 -12.25 23.85
#